data_7VOA
#
_entry.id   7VOA
#
_cell.length_a   53.440
_cell.length_b   87.700
_cell.length_c   89.050
_cell.angle_alpha   90.000
_cell.angle_beta   90.000
_cell.angle_gamma   90.000
#
_symmetry.space_group_name_H-M   'P 21 21 21'
#
loop_
_entity.id
_entity.type
_entity.pdbx_description
1 polymer 'alpaca nanobody'
2 polymer 'Spike glycoprotein'
3 non-polymer 2-acetamido-2-deoxy-beta-D-glucopyranose
4 water water
#
loop_
_entity_poly.entity_id
_entity_poly.type
_entity_poly.pdbx_seq_one_letter_code
_entity_poly.pdbx_strand_id
1 'polypeptide(L)'
;QVQLVESGGGLVQPGGTLRLSCAASGFTLDYYAIGWFRQAPGKEREGVSCISGSGGITNYTDSVKGRFTISRDNAKNTVY
LQMNSLKPEDTAVYYCAPVSHTVVAGCAFEAWTDFGSWGQGTQVTVSS
;
A
2 'polypeptide(L)'
;QPTESIVRFPNITNLCPFGEVFNATRFASVYAWNRKRISNCVADYSVLYNSASFSTFKCYGVSPTKLNDLCFTNVYADSF
VIRGDEVRQIAPGQTGKIADYNYKLPDDFTGCVIAWNSNNLDSKVGGNYNYLYRLFRKSNLKPFERDISTEIYQAGSTPC
NGVEGFNCYFPLQSYGFQPTNGVGYQPYRVVVLSFELLHAPATVCGPK
;
B
#
# COMPACT_ATOMS: atom_id res chain seq x y z
N GLN A 1 27.87 -9.27 9.14
CA GLN A 1 28.14 -8.23 8.15
C GLN A 1 26.99 -8.08 7.17
N VAL A 2 26.17 -7.07 7.43
CA VAL A 2 25.00 -6.81 6.62
C VAL A 2 25.41 -6.68 5.16
N GLN A 3 24.67 -7.33 4.27
CA GLN A 3 25.15 -7.54 2.90
C GLN A 3 24.03 -8.16 2.10
N LEU A 4 24.04 -7.95 0.78
CA LEU A 4 23.09 -8.62 -0.09
C LEU A 4 23.86 -9.38 -1.18
N VAL A 5 23.96 -10.70 -1.01
CA VAL A 5 24.80 -11.56 -1.85
C VAL A 5 24.11 -11.79 -3.19
N GLU A 6 24.77 -11.40 -4.26
CA GLU A 6 24.20 -11.45 -5.61
C GLU A 6 24.47 -12.81 -6.21
N SER A 7 23.51 -13.30 -6.98
CA SER A 7 23.64 -14.56 -7.69
C SER A 7 23.14 -14.40 -9.11
N GLY A 8 23.35 -15.45 -9.95
CA GLY A 8 22.92 -15.35 -11.33
C GLY A 8 23.88 -14.54 -12.14
N GLY A 9 23.54 -14.31 -13.42
CA GLY A 9 24.49 -13.53 -14.24
C GLY A 9 25.19 -14.43 -15.23
N GLY A 10 26.23 -13.87 -15.86
CA GLY A 10 27.06 -14.62 -16.78
C GLY A 10 27.16 -13.96 -18.12
N LEU A 11 27.42 -14.78 -19.15
CA LEU A 11 27.72 -14.35 -20.51
C LEU A 11 26.53 -14.67 -21.42
N VAL A 12 26.07 -13.68 -22.20
CA VAL A 12 25.02 -13.91 -23.20
C VAL A 12 25.35 -13.09 -24.44
N GLN A 13 24.65 -13.44 -25.53
CA GLN A 13 24.76 -12.62 -26.73
C GLN A 13 23.70 -11.52 -26.70
N PRO A 14 23.90 -10.48 -27.48
CA PRO A 14 22.89 -9.42 -27.60
C PRO A 14 21.54 -10.02 -27.96
N GLY A 15 20.51 -9.54 -27.27
CA GLY A 15 19.17 -10.08 -27.32
C GLY A 15 18.90 -11.18 -26.30
N GLY A 16 19.92 -11.59 -25.55
CA GLY A 16 19.77 -12.64 -24.55
C GLY A 16 19.08 -12.20 -23.28
N THR A 17 18.97 -13.15 -22.34
CA THR A 17 18.19 -12.92 -21.11
CA THR A 17 18.23 -12.91 -21.12
C THR A 17 18.98 -13.46 -19.92
N LEU A 18 18.84 -12.77 -18.77
CA LEU A 18 19.41 -13.16 -17.50
C LEU A 18 18.39 -12.90 -16.40
N ARG A 19 18.51 -13.63 -15.29
CA ARG A 19 17.82 -13.23 -14.07
C ARG A 19 18.83 -13.22 -12.93
N LEU A 20 19.05 -12.03 -12.36
CA LEU A 20 19.90 -11.89 -11.22
C LEU A 20 19.03 -12.02 -9.98
N SER A 21 19.66 -12.36 -8.89
CA SER A 21 18.93 -12.28 -7.63
C SER A 21 19.92 -11.88 -6.56
N CYS A 22 19.40 -11.35 -5.45
CA CYS A 22 20.28 -10.96 -4.35
CA CYS A 22 20.29 -11.00 -4.36
C CYS A 22 19.57 -11.27 -3.05
N ALA A 23 20.26 -11.94 -2.16
CA ALA A 23 19.67 -12.41 -0.93
C ALA A 23 20.29 -11.64 0.23
N ALA A 24 19.43 -11.15 1.11
CA ALA A 24 19.87 -10.45 2.31
C ALA A 24 20.62 -11.39 3.23
N SER A 25 21.73 -10.89 3.76
CA SER A 25 22.52 -11.62 4.72
C SER A 25 22.72 -10.71 5.94
N GLY A 26 22.32 -11.19 7.11
CA GLY A 26 22.47 -10.43 8.33
C GLY A 26 21.33 -9.49 8.62
N PHE A 27 20.34 -9.40 7.75
CA PHE A 27 19.09 -8.72 8.06
C PHE A 27 17.99 -9.35 7.22
N THR A 28 16.75 -8.98 7.53
CA THR A 28 15.61 -9.41 6.75
C THR A 28 15.05 -8.21 5.99
N LEU A 29 14.56 -8.50 4.81
CA LEU A 29 14.36 -7.55 3.74
C LEU A 29 13.09 -6.75 3.87
N ASP A 30 12.08 -7.27 4.59
CA ASP A 30 10.69 -6.90 4.37
C ASP A 30 10.44 -5.39 4.36
N TYR A 31 11.00 -4.67 5.26
CA TYR A 31 10.56 -3.28 5.28
C TYR A 31 11.42 -2.36 4.44
N TYR A 32 12.40 -2.90 3.75
CA TYR A 32 13.43 -2.08 3.10
C TYR A 32 13.23 -2.01 1.61
N ALA A 33 13.32 -0.81 1.06
CA ALA A 33 13.40 -0.69 -0.40
C ALA A 33 14.80 -1.11 -0.83
N ILE A 34 14.90 -1.80 -1.98
CA ILE A 34 16.15 -2.37 -2.46
C ILE A 34 16.37 -1.88 -3.87
N GLY A 35 17.62 -1.52 -4.20
CA GLY A 35 17.93 -1.16 -5.56
C GLY A 35 18.92 -2.13 -6.18
N TRP A 36 18.85 -2.27 -7.50
CA TRP A 36 19.92 -2.89 -8.27
C TRP A 36 20.75 -1.78 -8.91
N PHE A 37 22.06 -1.97 -8.86
CA PHE A 37 23.07 -1.02 -9.34
C PHE A 37 23.98 -1.77 -10.28
N ARG A 38 24.67 -1.03 -11.17
CA ARG A 38 25.64 -1.70 -12.00
C ARG A 38 26.83 -0.82 -12.21
N GLN A 39 27.98 -1.46 -12.25
CA GLN A 39 29.24 -0.73 -12.44
C GLN A 39 29.81 -1.24 -13.76
N ALA A 40 29.58 -0.48 -14.82
CA ALA A 40 30.17 -0.77 -16.13
C ALA A 40 31.67 -0.51 -16.06
N PRO A 41 32.47 -1.09 -16.95
CA PRO A 41 33.93 -1.00 -16.85
C PRO A 41 34.45 0.41 -16.68
N GLY A 42 35.16 0.70 -15.58
CA GLY A 42 35.72 2.03 -15.33
C GLY A 42 34.74 3.11 -14.90
N LYS A 43 33.46 2.78 -14.67
CA LYS A 43 32.42 3.76 -14.33
C LYS A 43 31.99 3.62 -12.86
N GLU A 44 31.19 4.59 -12.41
CA GLU A 44 30.62 4.62 -11.08
C GLU A 44 29.52 3.58 -11.02
N ARG A 45 29.13 3.22 -9.81
CA ARG A 45 27.94 2.36 -9.66
C ARG A 45 26.71 3.21 -9.96
N GLU A 46 25.83 2.78 -10.87
CA GLU A 46 24.65 3.60 -11.16
C GLU A 46 23.45 2.78 -10.78
N GLY A 47 22.45 3.41 -10.20
CA GLY A 47 21.17 2.73 -9.97
C GLY A 47 20.49 2.44 -11.29
N VAL A 48 19.95 1.23 -11.42
CA VAL A 48 19.27 0.77 -12.60
C VAL A 48 17.78 0.54 -12.33
N SER A 49 17.46 0.05 -11.16
CA SER A 49 16.08 -0.33 -10.87
C SER A 49 15.90 -0.45 -9.37
N CYS A 50 14.72 -0.07 -8.84
CA CYS A 50 14.51 -0.18 -7.39
C CYS A 50 13.08 -0.63 -7.14
N ILE A 51 12.85 -1.16 -5.96
CA ILE A 51 11.55 -1.69 -5.62
C ILE A 51 11.29 -1.37 -4.15
N SER A 52 10.06 -0.92 -3.85
CA SER A 52 9.76 -0.54 -2.45
C SER A 52 9.66 -1.79 -1.54
N GLY A 53 9.53 -1.54 -0.24
CA GLY A 53 9.53 -2.65 0.72
C GLY A 53 8.42 -3.66 0.43
N SER A 54 7.22 -3.18 0.12
CA SER A 54 6.13 -4.11 -0.13
C SER A 54 6.20 -4.78 -1.49
N GLY A 55 7.02 -4.28 -2.42
CA GLY A 55 6.96 -4.79 -3.77
C GLY A 55 5.97 -4.06 -4.62
N GLY A 56 5.19 -3.14 -4.01
CA GLY A 56 4.12 -2.51 -4.76
C GLY A 56 4.53 -1.46 -5.75
N ILE A 57 5.70 -0.86 -5.58
CA ILE A 57 6.13 0.21 -6.48
C ILE A 57 7.54 -0.11 -6.97
N THR A 58 7.76 0.00 -8.28
CA THR A 58 9.04 -0.22 -8.89
C THR A 58 9.43 1.01 -9.68
N ASN A 59 10.73 1.12 -9.93
CA ASN A 59 11.22 2.26 -10.70
C ASN A 59 12.39 1.79 -11.55
N TYR A 60 12.56 2.37 -12.74
CA TYR A 60 13.60 1.96 -13.68
C TYR A 60 14.26 3.16 -14.32
N THR A 61 15.57 3.08 -14.53
CA THR A 61 16.20 4.14 -15.32
C THR A 61 15.81 4.02 -16.78
N ASP A 62 16.03 5.11 -17.52
CA ASP A 62 15.68 5.20 -18.94
C ASP A 62 16.29 4.09 -19.80
N SER A 63 17.55 3.77 -19.60
CA SER A 63 18.18 2.86 -20.52
C SER A 63 17.68 1.43 -20.37
N VAL A 64 16.95 1.11 -19.30
CA VAL A 64 16.50 -0.27 -19.10
C VAL A 64 14.99 -0.39 -19.01
N LYS A 65 14.25 0.71 -19.11
CA LYS A 65 12.80 0.63 -19.01
C LYS A 65 12.26 -0.24 -20.17
N GLY A 66 11.33 -1.11 -19.85
CA GLY A 66 10.76 -1.99 -20.82
C GLY A 66 11.53 -3.27 -21.02
N ARG A 67 12.79 -3.33 -20.58
CA ARG A 67 13.60 -4.52 -20.76
C ARG A 67 13.87 -5.26 -19.47
N PHE A 68 13.94 -4.55 -18.33
CA PHE A 68 14.21 -5.15 -17.04
C PHE A 68 12.97 -5.09 -16.17
N THR A 69 12.81 -6.12 -15.33
CA THR A 69 11.72 -6.20 -14.37
C THR A 69 12.32 -6.59 -13.03
N ILE A 70 12.10 -5.74 -12.01
CA ILE A 70 12.57 -6.03 -10.67
C ILE A 70 11.37 -6.57 -9.87
N SER A 71 11.64 -7.48 -8.95
CA SER A 71 10.56 -8.04 -8.14
C SER A 71 11.20 -8.56 -6.87
N ARG A 72 10.39 -8.99 -5.89
CA ARG A 72 11.01 -9.48 -4.68
C ARG A 72 10.13 -10.56 -4.08
N ASP A 73 10.71 -11.35 -3.20
CA ASP A 73 9.97 -12.38 -2.49
C ASP A 73 10.40 -12.24 -1.04
N ASN A 74 9.63 -11.48 -0.24
CA ASN A 74 10.11 -11.17 1.10
C ASN A 74 10.24 -12.42 1.94
N ALA A 75 9.35 -13.40 1.72
CA ALA A 75 9.44 -14.65 2.48
C ALA A 75 10.79 -15.33 2.25
N LYS A 76 11.38 -15.18 1.06
CA LYS A 76 12.73 -15.72 0.84
C LYS A 76 13.83 -14.67 1.02
N ASN A 77 13.48 -13.45 1.39
CA ASN A 77 14.47 -12.40 1.63
C ASN A 77 15.32 -12.18 0.38
N THR A 78 14.71 -12.32 -0.80
CA THR A 78 15.44 -12.19 -2.06
C THR A 78 14.79 -11.17 -2.98
N VAL A 79 15.62 -10.42 -3.71
CA VAL A 79 15.15 -9.52 -4.74
C VAL A 79 15.73 -10.03 -6.07
N TYR A 80 14.96 -9.82 -7.15
CA TYR A 80 15.27 -10.39 -8.46
C TYR A 80 15.35 -9.29 -9.49
N LEU A 81 16.18 -9.50 -10.51
CA LEU A 81 16.22 -8.60 -11.65
C LEU A 81 16.20 -9.46 -12.92
N GLN A 82 15.04 -9.47 -13.59
CA GLN A 82 14.84 -10.15 -14.87
C GLN A 82 15.26 -9.19 -15.97
N MET A 83 16.15 -9.66 -16.85
CA MET A 83 16.80 -8.80 -17.83
C MET A 83 16.60 -9.42 -19.18
N ASN A 84 15.85 -8.75 -20.04
CA ASN A 84 15.53 -9.23 -21.36
C ASN A 84 16.09 -8.28 -22.38
N SER A 85 16.21 -8.76 -23.62
CA SER A 85 16.68 -7.94 -24.73
C SER A 85 18.01 -7.27 -24.40
N LEU A 86 18.96 -8.07 -23.91
CA LEU A 86 20.20 -7.51 -23.40
C LEU A 86 21.06 -6.93 -24.52
N LYS A 87 21.77 -5.86 -24.19
CA LYS A 87 22.62 -5.12 -25.10
C LYS A 87 24.05 -5.07 -24.58
N PRO A 88 25.05 -4.89 -25.48
CA PRO A 88 26.43 -4.79 -25.02
C PRO A 88 26.60 -3.76 -23.91
N GLU A 89 25.86 -2.65 -23.97
CA GLU A 89 25.97 -1.57 -22.97
C GLU A 89 25.49 -2.00 -21.60
N ASP A 90 24.79 -3.14 -21.49
CA ASP A 90 24.37 -3.65 -20.19
C ASP A 90 25.48 -4.40 -19.48
N THR A 91 26.63 -4.62 -20.16
CA THR A 91 27.75 -5.31 -19.56
C THR A 91 28.23 -4.55 -18.32
N ALA A 92 28.31 -5.23 -17.17
CA ALA A 92 28.70 -4.49 -15.95
C ALA A 92 28.74 -5.52 -14.84
N VAL A 93 29.29 -5.12 -13.68
CA VAL A 93 29.07 -5.89 -12.44
C VAL A 93 27.82 -5.32 -11.80
N TYR A 94 26.87 -6.21 -11.39
CA TYR A 94 25.60 -5.77 -10.84
C TYR A 94 25.54 -6.06 -9.35
N TYR A 95 24.97 -5.12 -8.56
CA TYR A 95 24.98 -5.20 -7.11
C TYR A 95 23.59 -4.83 -6.59
N CYS A 96 23.21 -5.34 -5.42
CA CYS A 96 22.05 -4.85 -4.67
CA CYS A 96 22.08 -4.68 -4.80
C CYS A 96 22.46 -4.02 -3.48
N ALA A 97 21.64 -3.06 -3.12
CA ALA A 97 21.86 -2.30 -1.89
C ALA A 97 20.53 -1.72 -1.46
N PRO A 98 20.36 -1.43 -0.18
CA PRO A 98 19.14 -0.73 0.27
C PRO A 98 19.14 0.70 -0.24
N VAL A 99 17.96 1.15 -0.69
CA VAL A 99 17.75 2.52 -1.10
C VAL A 99 16.72 3.14 -0.16
N SER A 100 16.48 4.45 -0.32
CA SER A 100 15.47 5.15 0.46
C SER A 100 14.13 5.08 -0.25
N HIS A 101 13.06 5.00 0.55
CA HIS A 101 11.74 5.22 -0.04
C HIS A 101 11.52 6.70 -0.34
N THR A 102 10.63 6.97 -1.31
CA THR A 102 10.14 8.34 -1.48
C THR A 102 8.99 8.54 -0.50
N VAL A 103 8.57 9.79 -0.32
CA VAL A 103 7.60 10.07 0.74
C VAL A 103 6.20 9.59 0.35
N VAL A 104 6.06 9.07 -0.87
CA VAL A 104 4.82 8.37 -1.28
C VAL A 104 5.02 6.89 -1.37
N ALA A 105 5.98 6.37 -0.59
CA ALA A 105 6.28 4.96 -0.42
C ALA A 105 6.80 4.30 -1.69
N GLY A 106 7.22 5.07 -2.70
CA GLY A 106 7.98 4.59 -3.83
C GLY A 106 9.45 4.44 -3.49
N CYS A 107 10.35 4.43 -4.51
CA CYS A 107 11.77 4.18 -4.22
C CYS A 107 12.63 5.02 -5.17
N ALA A 108 13.77 5.48 -4.63
CA ALA A 108 14.78 6.23 -5.36
C ALA A 108 15.98 5.34 -5.65
N PHE A 109 16.85 5.80 -6.53
CA PHE A 109 17.94 4.94 -6.99
C PHE A 109 19.20 4.99 -6.13
N GLU A 110 19.34 5.94 -5.21
CA GLU A 110 20.60 6.06 -4.50
C GLU A 110 20.64 5.17 -3.26
N ALA A 111 21.72 4.43 -3.14
CA ALA A 111 21.95 3.66 -1.91
C ALA A 111 22.03 4.58 -0.71
N TRP A 112 21.68 4.03 0.45
CA TRP A 112 21.88 4.80 1.68
C TRP A 112 23.29 5.35 1.74
N THR A 113 23.39 6.63 2.14
CA THR A 113 24.67 7.34 2.16
C THR A 113 25.67 6.59 3.02
N ASP A 114 25.20 6.09 4.17
CA ASP A 114 25.94 5.21 5.07
C ASP A 114 26.58 4.03 4.33
N PHE A 115 25.82 3.41 3.44
CA PHE A 115 26.02 2.01 3.07
C PHE A 115 27.35 1.76 2.35
N GLY A 116 28.19 0.92 2.93
CA GLY A 116 29.44 0.56 2.32
C GLY A 116 29.56 -0.92 1.96
N SER A 117 28.53 -1.70 2.26
CA SER A 117 28.63 -3.16 2.15
C SER A 117 28.19 -3.68 0.81
N TRP A 118 28.74 -3.13 -0.27
CA TRP A 118 28.53 -3.75 -1.55
C TRP A 118 29.10 -5.16 -1.50
N GLY A 119 28.60 -6.00 -2.34
CA GLY A 119 29.02 -7.38 -2.27
C GLY A 119 30.20 -7.61 -3.16
N GLN A 120 30.33 -8.86 -3.57
CA GLN A 120 31.10 -9.13 -4.75
C GLN A 120 30.36 -8.63 -5.98
N GLY A 121 29.06 -8.50 -5.91
CA GLY A 121 28.28 -8.22 -7.10
C GLY A 121 28.31 -9.45 -7.98
N THR A 122 27.68 -9.35 -9.16
CA THR A 122 27.79 -10.49 -10.09
C THR A 122 28.01 -9.96 -11.49
N GLN A 123 28.84 -10.67 -12.27
CA GLN A 123 29.26 -10.16 -13.57
C GLN A 123 28.19 -10.45 -14.63
N VAL A 124 27.88 -9.44 -15.44
CA VAL A 124 27.06 -9.61 -16.63
C VAL A 124 27.88 -9.17 -17.85
N THR A 125 27.97 -10.03 -18.87
CA THR A 125 28.68 -9.69 -20.09
C THR A 125 27.77 -10.01 -21.25
N VAL A 126 27.55 -9.03 -22.11
CA VAL A 126 26.70 -9.19 -23.27
C VAL A 126 27.62 -8.96 -24.46
N SER A 127 27.81 -9.99 -25.31
CA SER A 127 28.82 -9.86 -26.36
C SER A 127 28.53 -10.82 -27.52
N SER A 128 29.01 -10.47 -28.72
CA SER A 128 28.98 -11.35 -29.88
C SER A 128 30.23 -12.24 -30.04
N THR B 13 -37.65 15.55 2.62
CA THR B 13 -37.12 16.67 1.86
C THR B 13 -36.28 16.15 0.67
N ASN B 14 -35.02 16.59 0.55
CA ASN B 14 -34.18 16.07 -0.52
C ASN B 14 -33.43 14.83 -0.06
N LEU B 15 -32.82 14.14 -1.01
CA LEU B 15 -32.28 12.80 -0.76
C LEU B 15 -30.77 12.87 -0.50
N CYS B 16 -30.32 12.04 0.46
CA CYS B 16 -28.91 12.05 0.83
C CYS B 16 -28.05 11.65 -0.37
N PRO B 17 -26.90 12.33 -0.58
CA PRO B 17 -26.06 12.05 -1.77
C PRO B 17 -25.17 10.84 -1.61
N PHE B 18 -25.77 9.68 -1.40
CA PHE B 18 -24.96 8.47 -1.25
C PHE B 18 -24.22 8.14 -2.54
N GLY B 19 -24.83 8.46 -3.69
CA GLY B 19 -24.14 8.24 -4.95
C GLY B 19 -22.76 8.87 -5.00
N GLU B 20 -22.63 10.08 -4.45
CA GLU B 20 -21.33 10.77 -4.50
C GLU B 20 -20.29 10.05 -3.68
N VAL B 21 -20.72 9.37 -2.62
CA VAL B 21 -19.81 8.59 -1.81
C VAL B 21 -19.52 7.24 -2.48
N PHE B 22 -20.59 6.49 -2.77
CA PHE B 22 -20.40 5.13 -3.22
C PHE B 22 -19.90 5.03 -4.64
N ASN B 23 -20.28 5.97 -5.51
CA ASN B 23 -19.93 5.88 -6.92
C ASN B 23 -18.82 6.86 -7.29
N ALA B 24 -18.09 7.38 -6.31
CA ALA B 24 -16.93 8.21 -6.60
C ALA B 24 -15.93 7.43 -7.46
N THR B 25 -15.40 8.10 -8.48
CA THR B 25 -14.49 7.41 -9.39
C THR B 25 -13.20 7.01 -8.68
N ARG B 26 -12.70 7.86 -7.80
CA ARG B 26 -11.48 7.58 -7.06
C ARG B 26 -11.76 7.51 -5.57
N PHE B 27 -11.09 6.60 -4.85
CA PHE B 27 -11.25 6.50 -3.40
C PHE B 27 -9.94 6.88 -2.73
N ALA B 28 -10.00 7.22 -1.46
CA ALA B 28 -8.83 7.55 -0.67
C ALA B 28 -8.05 6.29 -0.26
N SER B 29 -6.79 6.49 0.13
CA SER B 29 -6.07 5.46 0.85
C SER B 29 -6.60 5.38 2.28
N VAL B 30 -6.52 4.19 2.86
CA VAL B 30 -7.00 3.99 4.23
C VAL B 30 -6.23 4.87 5.24
N TYR B 31 -4.92 5.13 5.07
CA TYR B 31 -4.24 5.95 6.09
C TYR B 31 -4.67 7.39 6.01
N ALA B 32 -5.11 7.81 4.82
CA ALA B 32 -5.56 9.15 4.56
C ALA B 32 -7.03 9.12 4.19
N TRP B 33 -7.85 8.45 5.03
CA TRP B 33 -9.21 8.14 4.65
C TRP B 33 -10.04 9.41 4.49
N ASN B 34 -11.01 9.33 3.60
CA ASN B 34 -11.93 10.44 3.35
C ASN B 34 -13.12 10.39 4.32
N ARG B 35 -13.62 11.56 4.70
CA ARG B 35 -14.90 11.70 5.42
C ARG B 35 -15.80 12.67 4.67
N LYS B 36 -17.05 12.28 4.45
CA LYS B 36 -18.06 13.19 3.93
C LYS B 36 -19.19 13.28 4.94
N ARG B 37 -19.60 14.51 5.28
CA ARG B 37 -20.73 14.67 6.19
C ARG B 37 -22.05 14.58 5.43
N ILE B 38 -23.02 13.88 6.00
CA ILE B 38 -24.33 13.73 5.36
C ILE B 38 -25.37 14.25 6.34
N SER B 39 -26.15 15.24 5.91
CA SER B 39 -27.07 15.95 6.80
C SER B 39 -28.26 16.46 6.00
N ASN B 40 -29.32 16.82 6.72
CA ASN B 40 -30.50 17.49 6.16
C ASN B 40 -30.97 16.82 4.88
N CYS B 41 -31.31 15.53 4.98
CA CYS B 41 -31.64 14.78 3.78
C CYS B 41 -32.34 13.50 4.17
N VAL B 42 -32.95 12.85 3.17
CA VAL B 42 -33.61 11.57 3.36
C VAL B 42 -32.67 10.48 2.90
N ALA B 43 -32.45 9.50 3.77
CA ALA B 43 -31.50 8.41 3.54
C ALA B 43 -32.31 7.15 3.28
N ASP B 44 -32.57 6.86 2.01
CA ASP B 44 -33.24 5.64 1.63
C ASP B 44 -32.18 4.57 1.41
N TYR B 45 -32.13 3.62 2.33
CA TYR B 45 -31.14 2.56 2.27
C TYR B 45 -31.51 1.42 1.33
N SER B 46 -32.68 1.52 0.68
CA SER B 46 -33.06 0.55 -0.33
C SER B 46 -32.11 0.62 -1.50
N VAL B 47 -31.74 1.84 -1.91
CA VAL B 47 -30.70 2.07 -2.91
C VAL B 47 -29.55 1.11 -2.66
N LEU B 48 -29.02 1.17 -1.44
CA LEU B 48 -27.75 0.52 -1.15
C LEU B 48 -27.86 -0.99 -1.28
N TYR B 49 -28.84 -1.59 -0.61
CA TYR B 49 -28.96 -3.08 -0.66
C TYR B 49 -29.37 -3.52 -2.08
N ASN B 50 -30.31 -2.81 -2.71
CA ASN B 50 -30.74 -3.12 -4.08
C ASN B 50 -29.56 -3.19 -5.06
N SER B 51 -28.57 -2.31 -4.89
CA SER B 51 -27.35 -2.41 -5.75
C SER B 51 -26.49 -3.52 -5.14
N ALA B 52 -26.84 -4.78 -5.40
CA ALA B 52 -26.20 -5.90 -4.70
C ALA B 52 -24.83 -6.28 -5.27
N SER B 53 -23.92 -5.33 -5.27
CA SER B 53 -22.54 -5.71 -5.60
C SER B 53 -21.82 -5.79 -4.26
N PHE B 54 -22.55 -5.63 -3.16
CA PHE B 54 -21.85 -5.53 -1.87
C PHE B 54 -21.54 -6.90 -1.29
N SER B 55 -20.29 -7.12 -0.86
CA SER B 55 -20.00 -8.40 -0.23
C SER B 55 -19.91 -8.29 1.29
N THR B 56 -19.86 -7.07 1.81
CA THR B 56 -19.98 -6.80 3.24
C THR B 56 -21.05 -5.75 3.39
N PHE B 57 -22.05 -6.02 4.23
CA PHE B 57 -23.03 -4.98 4.51
C PHE B 57 -23.52 -5.29 5.92
N LYS B 58 -22.92 -4.65 6.92
CA LYS B 58 -23.16 -5.08 8.32
C LYS B 58 -23.33 -3.82 9.17
N CYS B 59 -24.08 -3.91 10.26
CA CYS B 59 -24.28 -2.74 11.08
C CYS B 59 -24.07 -3.11 12.54
N TYR B 60 -23.89 -2.06 13.35
CA TYR B 60 -23.59 -2.14 14.77
C TYR B 60 -24.56 -1.23 15.49
N GLY B 61 -25.26 -1.78 16.50
CA GLY B 61 -26.17 -0.96 17.27
C GLY B 61 -27.52 -0.73 16.63
N VAL B 62 -27.70 -1.12 15.37
CA VAL B 62 -28.97 -1.02 14.65
C VAL B 62 -29.14 -2.28 13.83
N SER B 63 -30.34 -2.57 13.49
CA SER B 63 -30.51 -3.76 12.64
C SER B 63 -30.39 -3.39 11.17
N PRO B 64 -29.64 -4.16 10.38
CA PRO B 64 -29.42 -3.79 8.99
C PRO B 64 -30.69 -3.70 8.16
N THR B 65 -31.69 -4.51 8.45
CA THR B 65 -32.88 -4.52 7.62
C THR B 65 -33.84 -3.38 7.95
N LYS B 66 -33.61 -2.68 9.06
CA LYS B 66 -34.52 -1.66 9.56
C LYS B 66 -33.99 -0.25 9.40
N LEU B 67 -32.92 -0.04 8.61
CA LEU B 67 -32.34 1.29 8.45
C LEU B 67 -33.39 2.32 8.02
N ASN B 68 -34.30 1.92 7.14
CA ASN B 68 -35.25 2.88 6.60
C ASN B 68 -36.21 3.44 7.65
N ASP B 69 -36.25 2.90 8.86
CA ASP B 69 -37.13 3.41 9.90
C ASP B 69 -36.51 4.50 10.75
N LEU B 70 -35.22 4.79 10.59
CA LEU B 70 -34.43 5.45 11.62
C LEU B 70 -34.10 6.89 11.28
N CYS B 71 -33.88 7.68 12.34
CA CYS B 71 -33.47 9.08 12.24
CA CYS B 71 -33.40 9.04 12.16
C CYS B 71 -32.19 9.29 13.07
N PHE B 72 -31.27 10.12 12.57
CA PHE B 72 -30.06 10.50 13.30
C PHE B 72 -29.80 11.99 13.15
N THR B 73 -28.99 12.54 14.06
CA THR B 73 -28.62 13.95 13.98
C THR B 73 -27.76 14.21 12.75
N ASN B 74 -26.70 13.43 12.60
CA ASN B 74 -25.81 13.48 11.44
C ASN B 74 -25.37 12.06 11.10
N VAL B 75 -25.01 11.86 9.84
CA VAL B 75 -24.38 10.65 9.37
C VAL B 75 -23.04 11.06 8.77
N TYR B 76 -22.01 10.27 9.03
CA TYR B 76 -20.73 10.53 8.39
C TYR B 76 -20.38 9.32 7.58
N ALA B 77 -19.74 9.56 6.45
CA ALA B 77 -19.43 8.48 5.53
C ALA B 77 -17.95 8.56 5.30
N ASP B 78 -17.20 7.59 5.85
CA ASP B 78 -15.77 7.53 5.66
C ASP B 78 -15.50 6.46 4.63
N SER B 79 -14.50 6.68 3.79
CA SER B 79 -14.31 5.74 2.71
C SER B 79 -12.83 5.68 2.33
N PHE B 80 -12.43 4.49 1.86
CA PHE B 80 -11.03 4.18 1.59
C PHE B 80 -10.97 2.80 0.95
N VAL B 81 -9.75 2.39 0.56
CA VAL B 81 -9.48 1.06 -0.03
C VAL B 81 -8.53 0.33 0.88
N ILE B 82 -8.81 -0.97 1.11
CA ILE B 82 -7.93 -1.90 1.80
C ILE B 82 -7.96 -3.23 1.05
N ARG B 83 -7.21 -4.20 1.54
CA ARG B 83 -7.33 -5.56 0.99
C ARG B 83 -8.62 -6.25 1.45
N GLY B 84 -9.12 -7.17 0.62
CA GLY B 84 -10.27 -7.97 1.04
C GLY B 84 -10.10 -8.62 2.41
N ASP B 85 -8.90 -9.14 2.71
CA ASP B 85 -8.81 -9.85 3.99
C ASP B 85 -8.60 -8.90 5.17
N GLU B 86 -8.65 -7.58 4.93
CA GLU B 86 -8.58 -6.60 6.01
C GLU B 86 -9.94 -6.00 6.33
N VAL B 87 -10.97 -6.33 5.55
CA VAL B 87 -12.29 -5.77 5.83
C VAL B 87 -12.70 -6.14 7.26
N ARG B 88 -12.29 -7.32 7.72
CA ARG B 88 -12.65 -7.78 9.06
C ARG B 88 -12.07 -6.89 10.14
N GLN B 89 -11.08 -6.04 9.80
CA GLN B 89 -10.55 -5.15 10.81
C GLN B 89 -11.39 -3.90 10.93
N ILE B 90 -12.35 -3.71 10.05
CA ILE B 90 -13.14 -2.47 10.10
C ILE B 90 -14.34 -2.79 10.99
N ALA B 91 -14.11 -2.73 12.27
CA ALA B 91 -15.19 -3.11 13.20
C ALA B 91 -14.76 -2.64 14.60
N PRO B 92 -15.69 -2.38 15.51
CA PRO B 92 -15.28 -1.99 16.87
C PRO B 92 -14.40 -3.08 17.50
N GLY B 93 -13.40 -2.64 18.27
CA GLY B 93 -12.60 -3.58 19.05
C GLY B 93 -11.57 -4.44 18.33
N GLN B 94 -11.45 -4.40 17.01
CA GLN B 94 -10.52 -5.28 16.29
C GLN B 94 -9.08 -4.73 16.38
N THR B 95 -8.12 -5.61 16.16
CA THR B 95 -6.71 -5.29 16.24
C THR B 95 -6.07 -5.67 14.92
N GLY B 96 -4.86 -5.18 14.69
CA GLY B 96 -4.19 -5.36 13.41
C GLY B 96 -3.76 -4.01 12.88
N LYS B 97 -2.89 -4.07 11.86
CA LYS B 97 -2.25 -2.82 11.45
C LYS B 97 -3.28 -1.85 10.87
N ILE B 98 -4.37 -2.34 10.26
CA ILE B 98 -5.38 -1.41 9.78
C ILE B 98 -6.17 -0.79 10.95
N ALA B 99 -6.72 -1.63 11.85
CA ALA B 99 -7.52 -1.08 12.97
C ALA B 99 -6.65 -0.26 13.92
N ASP B 100 -5.37 -0.59 14.06
CA ASP B 100 -4.58 0.09 15.07
C ASP B 100 -3.83 1.29 14.52
N TYR B 101 -3.40 1.27 13.25
CA TYR B 101 -2.53 2.34 12.71
C TYR B 101 -3.13 3.17 11.58
N ASN B 102 -4.32 2.85 11.08
CA ASN B 102 -4.87 3.52 9.91
C ASN B 102 -6.29 4.04 10.12
N TYR B 103 -7.22 3.19 10.62
CA TYR B 103 -8.61 3.61 10.74
C TYR B 103 -9.23 2.80 11.86
N LYS B 104 -9.62 3.49 12.92
CA LYS B 104 -10.05 2.87 14.16
C LYS B 104 -11.48 3.30 14.47
N LEU B 105 -12.36 2.29 14.72
CA LEU B 105 -13.71 2.63 15.18
C LEU B 105 -13.78 2.60 16.70
N PRO B 106 -14.64 3.40 17.30
CA PRO B 106 -14.81 3.34 18.77
C PRO B 106 -15.52 2.05 19.17
N ASP B 107 -15.23 1.60 20.40
CA ASP B 107 -15.89 0.41 20.94
C ASP B 107 -17.40 0.50 20.89
N ASP B 108 -17.96 1.69 21.02
CA ASP B 108 -19.41 1.83 21.07
C ASP B 108 -19.98 2.28 19.72
N PHE B 109 -19.28 2.00 18.64
CA PHE B 109 -19.71 2.39 17.30
C PHE B 109 -21.17 2.01 17.03
N THR B 110 -21.90 2.96 16.45
CA THR B 110 -23.26 2.82 15.94
C THR B 110 -23.20 3.24 14.49
N GLY B 111 -23.51 2.33 13.57
CA GLY B 111 -23.30 2.60 12.15
C GLY B 111 -23.21 1.31 11.35
N CYS B 112 -22.82 1.46 10.08
CA CYS B 112 -22.76 0.33 9.17
C CYS B 112 -21.43 0.34 8.42
N VAL B 113 -20.97 -0.87 8.05
CA VAL B 113 -19.74 -1.06 7.29
C VAL B 113 -20.14 -1.80 6.01
N ILE B 114 -19.80 -1.20 4.85
CA ILE B 114 -20.21 -1.76 3.56
C ILE B 114 -18.94 -1.87 2.71
N ALA B 115 -18.78 -2.96 1.96
CA ALA B 115 -17.54 -3.14 1.23
C ALA B 115 -17.82 -3.94 -0.03
N TRP B 116 -17.03 -3.68 -1.09
CA TRP B 116 -17.23 -4.45 -2.29
C TRP B 116 -15.90 -4.55 -3.05
N ASN B 117 -15.77 -5.63 -3.81
CA ASN B 117 -14.53 -5.92 -4.49
C ASN B 117 -14.38 -4.89 -5.59
N SER B 118 -13.18 -4.24 -5.68
CA SER B 118 -12.93 -3.15 -6.63
C SER B 118 -11.75 -3.50 -7.53
N ASN B 119 -11.50 -4.80 -7.69
CA ASN B 119 -10.38 -5.25 -8.52
C ASN B 119 -10.44 -4.60 -9.90
N ASN B 120 -11.65 -4.42 -10.44
CA ASN B 120 -11.76 -3.93 -11.82
C ASN B 120 -11.43 -2.45 -11.96
N LEU B 121 -11.37 -1.71 -10.86
CA LEU B 121 -11.05 -0.29 -10.87
C LEU B 121 -9.72 0.02 -10.24
N ASP B 122 -9.36 -0.66 -9.17
CA ASP B 122 -8.24 -0.23 -8.36
C ASP B 122 -7.00 -1.05 -8.56
N SER B 123 -7.05 -2.14 -9.33
CA SER B 123 -5.79 -2.81 -9.59
C SER B 123 -5.29 -2.38 -10.97
N LYS B 124 -3.98 -2.46 -11.16
CA LYS B 124 -3.38 -2.02 -12.41
C LYS B 124 -2.32 -3.03 -12.78
N VAL B 125 -2.16 -3.28 -14.08
CA VAL B 125 -1.14 -4.24 -14.51
C VAL B 125 0.26 -3.83 -14.01
N GLY B 126 0.60 -2.56 -14.10
CA GLY B 126 1.87 -2.22 -13.46
C GLY B 126 1.90 -2.24 -11.92
N GLY B 127 0.77 -2.55 -11.24
CA GLY B 127 0.74 -2.44 -9.80
C GLY B 127 0.19 -1.07 -9.47
N ASN B 128 -0.94 -0.97 -8.79
CA ASN B 128 -1.45 0.33 -8.35
C ASN B 128 -0.39 1.00 -7.46
N TYR B 129 -0.09 2.28 -7.70
CA TYR B 129 0.92 2.95 -6.86
C TYR B 129 0.34 3.86 -5.76
N ASN B 130 -0.94 4.24 -5.84
CA ASN B 130 -1.42 5.31 -4.96
C ASN B 130 -2.04 4.84 -3.66
N TYR B 131 -2.51 3.60 -3.58
CA TYR B 131 -3.19 3.10 -2.36
C TYR B 131 -2.15 2.68 -1.31
N LEU B 132 -2.05 3.41 -0.21
CA LEU B 132 -1.03 3.13 0.78
C LEU B 132 -1.68 2.75 2.12
N TYR B 133 -0.90 2.13 3.01
CA TYR B 133 -1.32 1.89 4.40
C TYR B 133 -0.12 2.15 5.31
N ARG B 134 -0.40 2.55 6.57
CA ARG B 134 0.67 2.75 7.52
C ARG B 134 0.99 1.42 8.15
N LEU B 135 2.29 1.10 8.27
CA LEU B 135 2.73 -0.20 8.78
CA LEU B 135 2.55 -0.19 8.88
C LEU B 135 3.33 -0.11 10.16
N PHE B 136 3.83 1.07 10.54
CA PHE B 136 4.47 1.29 11.83
C PHE B 136 3.91 2.57 12.45
N ARG B 137 3.77 2.59 13.78
CA ARG B 137 3.35 3.75 14.54
C ARG B 137 3.74 3.53 16.00
N LYS B 138 4.09 4.63 16.69
CA LYS B 138 4.54 4.56 18.07
C LYS B 138 3.42 4.14 19.01
N SER B 139 2.18 4.38 18.64
CA SER B 139 1.04 4.10 19.48
C SER B 139 -0.16 3.90 18.57
N ASN B 140 -1.20 3.26 19.11
CA ASN B 140 -2.40 3.05 18.31
C ASN B 140 -3.12 4.37 18.10
N LEU B 141 -3.81 4.49 16.97
CA LEU B 141 -4.76 5.59 16.77
C LEU B 141 -5.90 5.56 17.78
N LYS B 142 -6.37 6.75 18.14
CA LYS B 142 -7.66 6.85 18.80
C LYS B 142 -8.79 6.70 17.77
N PRO B 143 -10.01 6.42 18.22
CA PRO B 143 -11.12 6.26 17.25
C PRO B 143 -11.31 7.52 16.40
N PHE B 144 -11.39 7.33 15.09
CA PHE B 144 -11.61 8.35 14.08
C PHE B 144 -10.44 9.29 13.99
N GLU B 145 -9.30 8.92 14.53
CA GLU B 145 -8.07 9.69 14.32
C GLU B 145 -7.50 9.43 12.92
N ARG B 146 -6.83 10.45 12.36
CA ARG B 146 -6.25 10.31 11.03
CA ARG B 146 -6.26 10.37 11.01
C ARG B 146 -4.81 10.84 11.11
N ASP B 147 -3.88 9.99 10.72
CA ASP B 147 -2.45 10.32 10.76
C ASP B 147 -1.92 10.26 9.34
N ILE B 148 -1.46 11.40 8.77
CA ILE B 148 -0.89 11.38 7.43
C ILE B 148 0.61 11.65 7.45
N SER B 149 1.25 11.59 8.62
CA SER B 149 2.65 11.96 8.66
C SER B 149 3.46 10.89 7.94
N THR B 150 4.69 11.28 7.56
CA THR B 150 5.63 10.34 6.94
C THR B 150 7.01 10.40 7.60
N GLU B 151 7.04 10.45 8.93
CA GLU B 151 8.27 10.48 9.67
C GLU B 151 8.92 9.10 9.68
N ILE B 152 10.25 9.09 9.56
CA ILE B 152 10.98 7.83 9.70
C ILE B 152 10.72 7.24 11.07
N TYR B 153 10.49 5.94 11.12
CA TYR B 153 10.05 5.29 12.37
C TYR B 153 11.23 4.56 12.99
N GLN B 154 11.48 4.85 14.26
CA GLN B 154 12.62 4.31 15.01
C GLN B 154 12.21 2.97 15.59
N ALA B 155 12.66 1.89 14.98
CA ALA B 155 12.30 0.57 15.44
C ALA B 155 13.27 0.02 16.48
N GLY B 156 14.45 0.61 16.58
CA GLY B 156 15.46 0.15 17.48
C GLY B 156 15.75 1.16 18.56
N SER B 157 16.88 0.98 19.22
CA SER B 157 17.31 1.96 20.21
C SER B 157 18.25 3.00 19.63
N THR B 158 18.59 2.91 18.32
CA THR B 158 19.41 3.93 17.66
C THR B 158 18.52 5.01 17.08
N PRO B 159 18.76 6.29 17.38
CA PRO B 159 17.89 7.34 16.83
C PRO B 159 18.07 7.48 15.32
N CYS B 160 16.99 7.85 14.65
CA CYS B 160 17.05 7.84 13.20
C CYS B 160 17.47 9.18 12.63
N ASN B 161 17.17 10.28 13.34
CA ASN B 161 17.55 11.61 12.88
C ASN B 161 16.97 11.92 11.50
N GLY B 162 15.76 11.43 11.24
CA GLY B 162 15.09 11.61 9.98
C GLY B 162 15.65 10.85 8.80
N VAL B 163 16.57 9.91 8.99
CA VAL B 163 17.17 9.23 7.84
C VAL B 163 16.77 7.76 7.87
N GLU B 164 16.33 7.26 6.72
CA GLU B 164 15.97 5.84 6.59
C GLU B 164 17.23 5.00 6.56
N GLY B 165 17.22 3.89 7.28
CA GLY B 165 18.40 3.04 7.33
C GLY B 165 18.04 1.86 8.20
N PHE B 166 19.04 1.12 8.68
CA PHE B 166 18.75 -0.09 9.45
C PHE B 166 17.91 0.28 10.66
N ASN B 167 16.78 -0.42 10.82
CA ASN B 167 15.90 -0.25 11.98
C ASN B 167 15.30 1.15 12.07
N CYS B 168 15.30 1.87 10.96
CA CYS B 168 14.81 3.25 10.80
C CYS B 168 13.98 3.20 9.51
N TYR B 169 12.68 2.92 9.66
CA TYR B 169 11.82 2.49 8.58
C TYR B 169 10.98 3.62 7.98
N PHE B 170 10.71 3.53 6.68
CA PHE B 170 9.66 4.37 6.14
C PHE B 170 8.32 3.79 6.62
N PRO B 171 7.37 4.62 7.04
CA PRO B 171 6.20 4.09 7.76
C PRO B 171 5.01 3.73 6.92
N LEU B 172 4.97 4.08 5.63
CA LEU B 172 3.86 3.66 4.78
C LEU B 172 4.37 2.63 3.79
N GLN B 173 3.47 1.77 3.33
CA GLN B 173 3.79 0.95 2.15
C GLN B 173 2.60 0.97 1.20
N SER B 174 2.89 0.71 -0.10
CA SER B 174 1.82 0.54 -1.13
C SER B 174 1.29 -0.90 -1.19
N TYR B 175 -0.04 -1.02 -1.38
CA TYR B 175 -0.63 -2.32 -1.60
C TYR B 175 -0.11 -2.90 -2.91
N GLY B 176 0.05 -2.06 -3.94
CA GLY B 176 0.49 -2.54 -5.27
C GLY B 176 -0.50 -3.44 -5.97
N PHE B 177 -1.81 -3.26 -5.75
CA PHE B 177 -2.81 -4.16 -6.33
C PHE B 177 -2.56 -4.42 -7.82
N GLN B 178 -2.55 -5.68 -8.18
CA GLN B 178 -2.50 -6.13 -9.56
C GLN B 178 -3.70 -7.01 -9.84
N PRO B 179 -4.26 -6.96 -11.07
CA PRO B 179 -5.48 -7.76 -11.36
C PRO B 179 -5.41 -9.24 -11.04
N THR B 180 -4.20 -9.82 -10.99
CA THR B 180 -4.06 -11.27 -10.80
C THR B 180 -3.94 -11.70 -9.35
N ASN B 181 -3.89 -10.75 -8.40
CA ASN B 181 -3.89 -11.14 -7.00
C ASN B 181 -5.07 -12.05 -6.66
N GLY B 182 -4.83 -12.97 -5.71
CA GLY B 182 -5.91 -13.77 -5.18
C GLY B 182 -6.90 -12.93 -4.39
N VAL B 183 -8.07 -13.48 -4.11
CA VAL B 183 -9.17 -12.61 -3.74
C VAL B 183 -8.94 -11.93 -2.39
N GLY B 184 -8.28 -12.61 -1.44
CA GLY B 184 -8.01 -11.96 -0.17
C GLY B 184 -7.08 -10.78 -0.29
N TYR B 185 -6.30 -10.72 -1.38
CA TYR B 185 -5.35 -9.63 -1.63
C TYR B 185 -5.87 -8.59 -2.61
N GLN B 186 -7.06 -8.75 -3.13
CA GLN B 186 -7.59 -7.81 -4.08
C GLN B 186 -8.08 -6.58 -3.32
N PRO B 187 -8.19 -5.43 -4.00
CA PRO B 187 -8.64 -4.19 -3.33
C PRO B 187 -10.15 -4.25 -3.12
N TYR B 188 -10.58 -3.80 -1.94
CA TYR B 188 -11.99 -3.59 -1.66
C TYR B 188 -12.22 -2.11 -1.32
N ARG B 189 -13.27 -1.52 -1.89
CA ARG B 189 -13.71 -0.22 -1.45
C ARG B 189 -14.61 -0.38 -0.25
N VAL B 190 -14.49 0.52 0.71
CA VAL B 190 -15.16 0.39 2.02
C VAL B 190 -15.79 1.73 2.32
N VAL B 191 -17.05 1.73 2.74
CA VAL B 191 -17.72 2.92 3.24
C VAL B 191 -18.16 2.62 4.65
N VAL B 192 -17.77 3.44 5.61
CA VAL B 192 -18.21 3.30 7.00
C VAL B 192 -19.19 4.43 7.26
N LEU B 193 -20.45 4.09 7.57
CA LEU B 193 -21.45 5.08 7.89
C LEU B 193 -21.58 5.17 9.40
N SER B 194 -21.28 6.34 9.97
CA SER B 194 -21.45 6.57 11.39
C SER B 194 -22.79 7.24 11.62
N PHE B 195 -23.57 6.71 12.56
CA PHE B 195 -24.92 7.19 12.85
C PHE B 195 -24.84 7.95 14.17
N GLU B 196 -24.85 9.27 14.08
CA GLU B 196 -24.58 10.12 15.22
C GLU B 196 -25.89 10.59 15.80
N LEU B 197 -25.97 10.56 17.13
CA LEU B 197 -27.18 10.91 17.88
C LEU B 197 -26.79 11.94 18.95
N LEU B 198 -26.96 13.23 18.64
CA LEU B 198 -26.69 14.26 19.63
C LEU B 198 -28.00 14.79 20.20
N HIS B 199 -27.87 15.50 21.34
CA HIS B 199 -29.04 16.19 21.98
C HIS B 199 -29.34 17.38 21.09
N ALA B 200 -30.15 17.18 20.06
CA ALA B 200 -30.42 18.16 19.00
C ALA B 200 -31.49 17.60 18.06
N PRO B 201 -32.09 18.41 17.19
CA PRO B 201 -33.01 17.84 16.20
C PRO B 201 -32.25 16.97 15.19
N ALA B 202 -32.96 15.99 14.64
CA ALA B 202 -32.39 15.00 13.76
C ALA B 202 -32.57 15.41 12.30
N THR B 203 -31.48 15.38 11.53
CA THR B 203 -31.50 15.85 10.15
C THR B 203 -31.39 14.75 9.10
N VAL B 204 -31.18 13.49 9.48
CA VAL B 204 -31.11 12.40 8.53
C VAL B 204 -32.10 11.32 8.94
N CYS B 205 -33.21 11.22 8.20
CA CYS B 205 -34.23 10.22 8.44
CA CYS B 205 -34.26 10.24 8.42
C CYS B 205 -34.42 9.36 7.19
N GLY B 206 -34.88 8.13 7.40
CA GLY B 206 -35.27 7.30 6.29
C GLY B 206 -36.77 7.44 6.06
N PRO B 207 -37.30 6.82 5.00
CA PRO B 207 -38.77 6.81 4.84
C PRO B 207 -39.47 5.95 5.88
N LYS B 208 -39.55 6.46 7.11
CA LYS B 208 -39.95 5.70 8.30
C LYS B 208 -41.15 4.78 8.12
#